data_1S9A
#
_entry.id   1S9A
#
_cell.length_a   89.328
_cell.length_b   89.328
_cell.length_c   313.395
_cell.angle_alpha   90.00
_cell.angle_beta   90.00
_cell.angle_gamma   120.00
#
_symmetry.space_group_name_H-M   'P 63 2 2'
#
loop_
_entity.id
_entity.type
_entity.pdbx_description
1 polymer 'Chlorocatechol 1,2-dioxygenase'
2 non-polymer 'FE (III) ION'
3 non-polymer '(1-HEXADECANOYL-2-TETRADECANOYL-GLYCEROL-3-YL) PHOSPHONYL CHOLINE'
4 non-polymer TRIS(HYDROXYETHYL)AMINOMETHANE
5 non-polymer 'BENZOIC ACID'
6 water water
#
_entity_poly.entity_id   1
_entity_poly.type   'polypeptide(L)'
_entity_poly.pdbx_seq_one_letter_code
;MANTRVIELFDEFTDLIRDFIVRHEITTPEYETIMQYMISVGEAGEWPLWLDAFFETTVDSVSYGKGNWTSSAIQGPFFK
EGAPLLTGKPATLPMRADEPGDRMRFTGSVRDTSGTPITGAVIDVWHSTNDGNYSFFSPALPDQYLLRGRVVPAEDGSIE
FHSIRPVPYEIPKAGPTGQLMNSYLGRHSWRPAHIHIRITADGYRPLITQLYFEGDPYLDSDSCSAVKSELVLPVNKIDI
DGETWQLVDFNFILQHN
;
_entity_poly.pdbx_strand_id   A,B
#
loop_
_chem_comp.id
_chem_comp.type
_chem_comp.name
_chem_comp.formula
BEZ non-polymer 'BENZOIC ACID' 'C7 H6 O2'
FE non-polymer 'FE (III) ION' 'Fe 3'
HGP non-polymer '(1-HEXADECANOYL-2-TETRADECANOYL-GLYCEROL-3-YL) PHOSPHONYL CHOLINE' 'C38 H77 N O8 P 1'
TAM non-polymer TRIS(HYDROXYETHYL)AMINOMETHANE 'C7 H17 N O3'
#
# COMPACT_ATOMS: atom_id res chain seq x y z
N ALA A 2 -1.55 16.20 15.63
CA ALA A 2 -0.48 15.24 15.25
C ALA A 2 -0.24 14.16 16.29
N ASN A 3 -0.03 12.93 15.81
CA ASN A 3 0.28 11.75 16.63
C ASN A 3 1.77 11.43 16.70
N THR A 4 2.35 11.48 17.90
CA THR A 4 3.78 11.15 18.05
C THR A 4 4.07 9.69 17.67
N ARG A 5 3.08 8.82 17.87
CA ARG A 5 3.15 7.43 17.41
C ARG A 5 3.38 7.39 15.90
N VAL A 6 2.52 8.10 15.15
CA VAL A 6 2.64 8.11 13.70
C VAL A 6 3.98 8.72 13.31
N ILE A 7 4.40 9.77 14.02
CA ILE A 7 5.63 10.43 13.64
C ILE A 7 6.83 9.53 13.86
N GLU A 8 6.91 8.91 15.02
CA GLU A 8 8.03 8.04 15.34
C GLU A 8 8.08 6.83 14.41
N LEU A 9 6.95 6.13 14.26
CA LEU A 9 6.87 4.95 13.42
C LEU A 9 7.03 5.26 11.95
N PHE A 10 6.37 6.32 11.48
CA PHE A 10 6.41 6.62 10.06
C PHE A 10 7.76 7.14 9.58
N ASP A 11 8.44 7.95 10.39
CA ASP A 11 9.75 8.46 10.03
C ASP A 11 10.76 7.31 9.94
N GLU A 12 10.66 6.36 10.87
CA GLU A 12 11.52 5.20 10.86
C GLU A 12 11.25 4.33 9.65
N PHE A 13 9.96 4.03 9.43
CA PHE A 13 9.47 3.25 8.30
C PHE A 13 9.96 3.81 6.97
N THR A 14 9.91 5.13 6.79
CA THR A 14 10.44 5.72 5.57
C THR A 14 11.97 5.55 5.41
N ASP A 15 12.73 5.79 6.48
CA ASP A 15 14.17 5.48 6.46
C ASP A 15 14.44 4.02 6.10
N LEU A 16 13.59 3.13 6.61
CA LEU A 16 13.68 1.69 6.41
C LEU A 16 13.45 1.27 4.97
N ILE A 17 12.41 1.83 4.37
CA ILE A 17 12.07 1.51 2.99
C ILE A 17 13.08 2.16 2.05
N ARG A 18 13.55 3.35 2.41
CA ARG A 18 14.58 4.03 1.62
C ARG A 18 15.87 3.22 1.60
N ASP A 19 16.28 2.70 2.76
CA ASP A 19 17.44 1.83 2.85
C ASP A 19 17.28 0.54 2.04
N PHE A 20 16.04 0.06 1.97
CA PHE A 20 15.71 -1.17 1.24
C PHE A 20 15.87 -0.91 -0.26
N ILE A 21 15.18 0.12 -0.76
CA ILE A 21 15.35 0.64 -2.11
C ILE A 21 16.83 0.72 -2.51
N VAL A 22 17.65 1.37 -1.69
CA VAL A 22 19.08 1.46 -1.93
C VAL A 22 19.77 0.09 -1.86
N ARG A 23 19.61 -0.62 -0.74
CA ARG A 23 20.23 -1.94 -0.51
C ARG A 23 20.02 -2.90 -1.67
N HIS A 24 18.79 -2.94 -2.16
CA HIS A 24 18.41 -3.89 -3.19
C HIS A 24 18.45 -3.31 -4.61
N GLU A 25 18.76 -2.03 -4.74
CA GLU A 25 18.96 -1.40 -6.04
C GLU A 25 17.64 -1.43 -6.82
N ILE A 26 16.55 -0.95 -6.20
CA ILE A 26 15.26 -1.00 -6.87
C ILE A 26 15.18 0.06 -7.97
N THR A 27 14.92 -0.40 -9.19
CA THR A 27 14.98 0.47 -10.36
C THR A 27 13.68 1.23 -10.52
N THR A 28 13.70 2.22 -11.41
CA THR A 28 12.48 2.89 -11.86
C THR A 28 11.37 1.93 -12.40
N PRO A 29 11.67 1.03 -13.32
CA PRO A 29 10.66 0.05 -13.75
C PRO A 29 10.05 -0.73 -12.57
N GLU A 30 10.92 -1.35 -11.77
CA GLU A 30 10.53 -2.11 -10.57
C GLU A 30 9.63 -1.28 -9.65
N TYR A 31 10.01 -0.05 -9.40
CA TYR A 31 9.19 0.90 -8.64
C TYR A 31 7.78 1.09 -9.25
N GLU A 32 7.74 1.24 -10.57
CA GLU A 32 6.48 1.42 -11.31
C GLU A 32 5.60 0.18 -11.21
N THR A 33 6.24 -0.98 -11.23
CA THR A 33 5.56 -2.27 -11.16
C THR A 33 4.91 -2.45 -9.79
N ILE A 34 5.61 -1.94 -8.79
CA ILE A 34 5.18 -2.01 -7.41
C ILE A 34 4.05 -1.02 -7.23
N MET A 35 4.26 0.19 -7.74
CA MET A 35 3.21 1.21 -7.75
C MET A 35 2.01 0.66 -8.46
N GLN A 36 2.20 0.04 -9.62
CA GLN A 36 1.04 -0.49 -10.33
C GLN A 36 0.41 -1.67 -9.59
N TYR A 37 1.22 -2.52 -8.96
CA TYR A 37 0.68 -3.71 -8.29
C TYR A 37 -0.16 -3.29 -7.09
N MET A 38 0.31 -2.26 -6.38
CA MET A 38 -0.37 -1.78 -5.19
C MET A 38 -1.72 -1.26 -5.57
N ILE A 39 -1.76 -0.55 -6.70
CA ILE A 39 -2.99 0.05 -7.18
C ILE A 39 -4.04 -1.01 -7.46
N SER A 40 -3.61 -2.10 -8.10
CA SER A 40 -4.51 -3.17 -8.48
C SER A 40 -5.10 -3.93 -7.27
N VAL A 41 -4.33 -4.01 -6.18
CA VAL A 41 -4.82 -4.57 -4.91
C VAL A 41 -6.03 -3.77 -4.42
N GLY A 42 -5.87 -2.44 -4.42
CA GLY A 42 -6.95 -1.50 -4.11
C GLY A 42 -8.14 -1.65 -5.03
N GLU A 43 -7.86 -1.77 -6.33
CA GLU A 43 -8.89 -2.00 -7.34
C GLU A 43 -9.58 -3.35 -7.21
N ALA A 44 -8.93 -4.33 -6.58
CA ALA A 44 -9.53 -5.65 -6.40
C ALA A 44 -10.19 -5.79 -5.05
N GLY A 45 -10.13 -4.72 -4.25
CA GLY A 45 -10.59 -4.75 -2.87
C GLY A 45 -9.84 -5.71 -1.96
N GLU A 46 -8.55 -5.88 -2.18
CA GLU A 46 -7.84 -7.00 -1.57
C GLU A 46 -6.90 -6.63 -0.43
N TRP A 47 -6.85 -5.35 -0.08
CA TRP A 47 -5.94 -4.89 0.96
C TRP A 47 -6.06 -5.70 2.25
N PRO A 48 -7.26 -5.86 2.81
CA PRO A 48 -7.46 -6.75 3.97
C PRO A 48 -6.89 -8.15 3.78
N LEU A 49 -7.32 -8.83 2.71
CA LEU A 49 -6.83 -10.17 2.39
C LEU A 49 -5.29 -10.23 2.24
N TRP A 50 -4.73 -9.27 1.50
CA TRP A 50 -3.30 -9.20 1.26
C TRP A 50 -2.55 -9.09 2.60
N LEU A 51 -2.88 -8.06 3.39
CA LEU A 51 -2.13 -7.74 4.60
C LEU A 51 -2.29 -8.81 5.64
N ASP A 52 -3.49 -9.37 5.69
CA ASP A 52 -3.77 -10.45 6.61
C ASP A 52 -3.01 -11.70 6.21
N ALA A 53 -2.88 -11.91 4.90
CA ALA A 53 -2.20 -13.11 4.39
C ALA A 53 -0.77 -13.14 4.89
N PHE A 54 -0.11 -11.98 4.85
CA PHE A 54 1.32 -11.90 5.15
C PHE A 54 1.68 -11.43 6.55
N PHE A 55 0.86 -10.55 7.14
CA PHE A 55 1.27 -9.83 8.34
C PHE A 55 0.44 -10.02 9.61
N GLU A 56 -0.84 -10.32 9.49
CA GLU A 56 -1.67 -10.49 10.69
C GLU A 56 -1.11 -11.53 11.66
N THR A 57 -0.41 -12.54 11.15
CA THR A 57 0.26 -13.48 12.04
C THR A 57 1.13 -12.72 13.01
N THR A 58 1.94 -11.81 12.49
CA THR A 58 2.90 -11.11 13.31
C THR A 58 2.23 -10.15 14.30
N VAL A 59 1.21 -9.43 13.84
CA VAL A 59 0.46 -8.60 14.77
C VAL A 59 -0.21 -9.50 15.82
N ASP A 60 -0.70 -10.67 15.40
CA ASP A 60 -1.23 -11.63 16.36
C ASP A 60 -0.21 -12.09 17.39
N SER A 61 1.02 -12.38 16.94
CA SER A 61 2.09 -12.90 17.81
C SER A 61 2.45 -11.98 18.97
N VAL A 62 2.40 -10.68 18.74
CA VAL A 62 2.91 -9.73 19.71
C VAL A 62 1.84 -9.26 20.64
N SER A 63 0.60 -9.37 20.20
CA SER A 63 -0.56 -8.85 20.92
C SER A 63 -1.02 -9.76 22.07
N TYR A 64 -1.03 -11.07 21.82
CA TYR A 64 -1.59 -12.07 22.75
C TYR A 64 -0.54 -13.16 23.02
N GLY A 65 -0.46 -13.65 24.26
CA GLY A 65 0.58 -14.61 24.64
C GLY A 65 0.09 -16.05 24.83
N LYS A 66 1.03 -17.00 24.90
CA LYS A 66 0.73 -18.39 25.24
C LYS A 66 0.61 -18.57 26.75
N GLY A 67 -0.03 -19.65 27.18
CA GLY A 67 -0.13 -19.97 28.59
C GLY A 67 -1.09 -21.12 28.79
N ASN A 68 -1.75 -21.14 29.94
CA ASN A 68 -2.71 -22.20 30.18
C ASN A 68 -4.13 -21.79 29.79
N TRP A 69 -4.19 -21.01 28.71
CA TRP A 69 -5.44 -20.60 28.10
C TRP A 69 -5.36 -20.94 26.62
N THR A 70 -6.47 -20.85 25.93
CA THR A 70 -6.47 -21.14 24.52
C THR A 70 -5.65 -20.11 23.76
N SER A 71 -4.74 -20.59 22.91
CA SER A 71 -4.02 -19.71 22.00
C SER A 71 -4.95 -19.06 20.98
N SER A 72 -4.64 -17.79 20.67
CA SER A 72 -5.35 -17.05 19.66
C SER A 72 -4.77 -17.41 18.30
N ALA A 73 -5.45 -17.00 17.24
CA ALA A 73 -4.86 -17.08 15.92
C ALA A 73 -5.48 -15.92 15.16
N ILE A 74 -4.98 -15.66 13.96
CA ILE A 74 -5.45 -14.51 13.18
C ILE A 74 -6.96 -14.59 12.91
N GLN A 75 -7.59 -13.44 12.74
CA GLN A 75 -9.01 -13.37 12.44
C GLN A 75 -9.25 -13.54 10.95
N GLY A 76 -8.27 -13.13 10.15
CA GLY A 76 -8.45 -12.99 8.72
C GLY A 76 -9.45 -11.89 8.40
N PRO A 77 -9.68 -11.68 7.10
CA PRO A 77 -10.58 -10.63 6.59
C PRO A 77 -12.07 -10.99 6.51
N PHE A 78 -12.43 -12.25 6.77
CA PHE A 78 -13.78 -12.70 6.40
C PHE A 78 -14.77 -12.84 7.55
N PHE A 79 -14.47 -12.20 8.69
CA PHE A 79 -15.42 -12.15 9.80
C PHE A 79 -16.53 -11.15 9.53
N LYS A 80 -17.66 -11.36 10.18
CA LYS A 80 -18.83 -10.52 10.00
C LYS A 80 -19.60 -10.43 11.31
N GLU A 81 -19.98 -9.21 11.69
CA GLU A 81 -20.67 -8.97 12.95
C GLU A 81 -22.16 -9.28 12.82
N GLY A 82 -22.84 -9.41 13.95
CA GLY A 82 -24.28 -9.65 13.96
C GLY A 82 -24.73 -10.98 13.35
N ALA A 83 -23.91 -12.03 13.48
CA ALA A 83 -24.33 -13.37 13.06
C ALA A 83 -25.44 -13.88 13.98
N PRO A 84 -26.37 -14.70 13.46
CA PRO A 84 -27.55 -15.11 14.22
C PRO A 84 -27.28 -16.05 15.40
N LEU A 85 -27.88 -15.75 16.56
CA LEU A 85 -27.87 -16.69 17.68
C LEU A 85 -28.49 -17.99 17.25
N LEU A 86 -27.81 -19.09 17.54
CA LEU A 86 -28.26 -20.42 17.18
C LEU A 86 -28.65 -21.21 18.44
N THR A 87 -29.92 -21.53 18.53
CA THR A 87 -30.45 -22.36 19.60
C THR A 87 -31.32 -23.46 19.01
N GLY A 88 -31.70 -24.43 19.83
CA GLY A 88 -32.54 -25.54 19.38
C GLY A 88 -31.91 -26.90 19.64
N LYS A 89 -32.58 -27.94 19.13
CA LYS A 89 -32.26 -29.36 19.35
C LYS A 89 -30.77 -29.59 19.34
N PRO A 90 -30.20 -29.92 18.18
CA PRO A 90 -28.81 -29.57 17.89
C PRO A 90 -28.79 -28.20 17.18
N ALA A 91 -28.23 -27.19 17.84
CA ALA A 91 -28.04 -25.87 17.22
C ALA A 91 -27.23 -26.07 15.94
N THR A 92 -27.69 -25.49 14.82
CA THR A 92 -27.05 -25.73 13.52
C THR A 92 -26.77 -24.45 12.72
N LEU A 93 -25.58 -24.38 12.14
CA LEU A 93 -25.19 -23.25 11.32
C LEU A 93 -26.12 -23.18 10.12
N PRO A 94 -26.57 -21.96 9.79
CA PRO A 94 -27.37 -21.73 8.59
C PRO A 94 -26.61 -22.23 7.38
N MET A 95 -27.32 -23.00 6.55
CA MET A 95 -26.72 -23.83 5.53
C MET A 95 -27.62 -23.77 4.32
N ARG A 96 -27.06 -23.81 3.12
CA ARG A 96 -27.88 -23.92 1.93
C ARG A 96 -28.44 -25.33 1.88
N ALA A 97 -29.53 -25.47 1.12
CA ALA A 97 -30.10 -26.78 0.87
C ALA A 97 -29.02 -27.63 0.21
N ASP A 98 -28.84 -28.84 0.77
CA ASP A 98 -27.83 -29.81 0.32
C ASP A 98 -26.43 -29.25 0.25
N GLU A 99 -26.03 -28.52 1.28
CA GLU A 99 -24.70 -27.95 1.35
C GLU A 99 -23.68 -29.08 1.20
N PRO A 100 -22.78 -28.96 0.22
CA PRO A 100 -21.73 -29.96 0.02
C PRO A 100 -20.91 -30.16 1.29
N GLY A 101 -20.62 -31.42 1.62
CA GLY A 101 -19.67 -31.73 2.66
C GLY A 101 -20.15 -32.79 3.61
N ASP A 102 -19.25 -33.17 4.53
CA ASP A 102 -19.55 -34.13 5.58
C ASP A 102 -20.17 -33.46 6.78
N ARG A 103 -21.24 -34.04 7.33
CA ARG A 103 -21.83 -33.45 8.52
C ARG A 103 -20.80 -33.49 9.64
N MET A 104 -20.68 -32.38 10.36
CA MET A 104 -19.71 -32.28 11.42
C MET A 104 -20.45 -31.94 12.69
N ARG A 105 -20.01 -32.55 13.79
CA ARG A 105 -20.56 -32.27 15.09
C ARG A 105 -19.45 -31.80 16.01
N PHE A 106 -19.68 -30.62 16.58
CA PHE A 106 -18.72 -29.94 17.41
C PHE A 106 -19.19 -29.95 18.84
N THR A 107 -18.33 -30.41 19.72
CA THR A 107 -18.61 -30.37 21.14
C THR A 107 -17.46 -29.68 21.87
N GLY A 108 -17.70 -29.31 23.12
CA GLY A 108 -16.66 -28.74 23.95
C GLY A 108 -17.21 -27.84 25.01
N SER A 109 -16.37 -26.94 25.49
CA SER A 109 -16.75 -26.08 26.59
C SER A 109 -15.97 -24.77 26.56
N VAL A 110 -16.42 -23.83 27.39
CA VAL A 110 -15.68 -22.62 27.65
C VAL A 110 -15.55 -22.46 29.16
N ARG A 111 -14.31 -22.35 29.62
CA ARG A 111 -14.00 -22.20 31.04
C ARG A 111 -12.93 -21.14 31.20
N ASP A 112 -12.65 -20.79 32.45
CA ASP A 112 -11.60 -19.82 32.76
C ASP A 112 -10.33 -20.48 33.27
N THR A 113 -9.26 -19.69 33.43
CA THR A 113 -7.95 -20.21 33.86
C THR A 113 -7.99 -20.91 35.24
N SER A 114 -9.16 -20.91 35.89
CA SER A 114 -9.38 -21.55 37.18
C SER A 114 -10.30 -22.77 37.08
N GLY A 115 -10.68 -23.15 35.85
CA GLY A 115 -11.62 -24.25 35.62
C GLY A 115 -13.10 -23.88 35.71
N THR A 116 -13.42 -22.64 36.09
CA THR A 116 -14.83 -22.21 36.14
C THR A 116 -15.47 -22.06 34.75
N PRO A 117 -16.63 -22.66 34.56
CA PRO A 117 -17.42 -22.49 33.32
C PRO A 117 -17.91 -21.05 33.07
N ILE A 118 -17.67 -20.56 31.86
CA ILE A 118 -18.02 -19.20 31.50
C ILE A 118 -19.36 -19.17 30.76
N THR A 119 -20.44 -19.20 31.54
CA THR A 119 -21.79 -19.29 30.99
C THR A 119 -22.21 -18.01 30.26
N GLY A 120 -21.47 -16.92 30.50
CA GLY A 120 -21.75 -15.63 29.88
C GLY A 120 -21.23 -15.47 28.45
N ALA A 121 -20.35 -16.37 28.04
CA ALA A 121 -19.71 -16.34 26.72
C ALA A 121 -20.65 -16.47 25.55
N VAL A 122 -20.28 -15.83 24.43
CA VAL A 122 -20.92 -16.12 23.16
C VAL A 122 -19.84 -16.37 22.12
N ILE A 123 -20.01 -17.44 21.37
CA ILE A 123 -18.98 -17.96 20.48
C ILE A 123 -19.45 -17.71 19.07
N ASP A 124 -18.81 -16.77 18.40
CA ASP A 124 -19.04 -16.61 16.98
C ASP A 124 -18.31 -17.74 16.28
N VAL A 125 -18.95 -18.39 15.31
CA VAL A 125 -18.23 -19.29 14.43
C VAL A 125 -18.55 -18.98 13.00
N TRP A 126 -17.50 -18.84 12.20
CA TRP A 126 -17.60 -18.73 10.76
C TRP A 126 -16.56 -19.62 10.08
N HIS A 127 -16.89 -20.09 8.89
CA HIS A 127 -15.98 -20.89 8.09
C HIS A 127 -16.40 -20.90 6.62
N SER A 128 -15.51 -21.38 5.76
CA SER A 128 -15.75 -21.41 4.32
C SER A 128 -16.72 -22.53 3.92
N THR A 129 -17.41 -22.32 2.79
CA THR A 129 -18.08 -23.40 2.06
C THR A 129 -17.02 -24.35 1.51
N ASN A 130 -17.46 -25.54 1.10
CA ASN A 130 -16.56 -26.50 0.45
C ASN A 130 -15.88 -25.91 -0.76
N ASP A 131 -16.58 -24.99 -1.42
CA ASP A 131 -16.06 -24.26 -2.56
C ASP A 131 -14.91 -23.32 -2.19
N GLY A 132 -14.66 -23.16 -0.89
CA GLY A 132 -13.64 -22.24 -0.40
C GLY A 132 -14.10 -20.79 -0.45
N ASN A 133 -15.38 -20.57 -0.19
CA ASN A 133 -15.94 -19.23 -0.19
C ASN A 133 -16.63 -18.86 1.13
N TYR A 134 -16.58 -17.58 1.47
CA TYR A 134 -17.19 -17.07 2.69
C TYR A 134 -18.38 -16.20 2.32
N SER A 135 -19.50 -16.37 3.02
CA SER A 135 -20.65 -15.54 2.75
C SER A 135 -20.28 -14.10 3.11
N PHE A 136 -20.83 -13.16 2.34
CA PHE A 136 -20.55 -11.71 2.44
C PHE A 136 -19.27 -11.30 1.70
N PHE A 137 -18.48 -12.28 1.27
CA PHE A 137 -17.15 -11.98 0.73
C PHE A 137 -16.83 -12.71 -0.55
N SER A 138 -17.88 -13.13 -1.26
CA SER A 138 -17.70 -13.72 -2.58
C SER A 138 -18.88 -13.33 -3.47
N PRO A 139 -18.61 -13.06 -4.75
CA PRO A 139 -19.71 -12.86 -5.71
C PRO A 139 -20.48 -14.17 -5.98
N ALA A 140 -19.91 -15.33 -5.62
CA ALA A 140 -20.57 -16.63 -5.76
C ALA A 140 -21.48 -17.04 -4.57
N LEU A 141 -21.55 -16.19 -3.55
CA LEU A 141 -22.39 -16.43 -2.40
C LEU A 141 -23.20 -15.18 -2.02
N PRO A 142 -24.38 -15.37 -1.45
CA PRO A 142 -25.24 -14.24 -1.06
C PRO A 142 -24.63 -13.51 0.11
N ASP A 143 -24.95 -12.23 0.24
CA ASP A 143 -24.60 -11.50 1.44
C ASP A 143 -25.60 -11.82 2.54
N GLN A 144 -25.52 -13.05 3.03
CA GLN A 144 -26.41 -13.53 4.08
C GLN A 144 -25.62 -14.41 5.03
N TYR A 145 -26.08 -14.55 6.27
CA TYR A 145 -25.35 -15.32 7.26
C TYR A 145 -25.44 -16.81 6.93
N LEU A 146 -24.43 -17.28 6.22
CA LEU A 146 -24.30 -18.65 5.77
C LEU A 146 -23.01 -19.24 6.36
N LEU A 147 -23.14 -20.37 7.05
CA LEU A 147 -22.02 -20.94 7.78
C LEU A 147 -21.37 -19.92 8.72
N ARG A 148 -22.22 -19.16 9.41
CA ARG A 148 -21.83 -18.19 10.42
C ARG A 148 -22.92 -18.23 11.47
N GLY A 149 -22.57 -18.08 12.73
CA GLY A 149 -23.58 -18.03 13.76
C GLY A 149 -22.98 -17.95 15.13
N ARG A 150 -23.76 -17.49 16.09
CA ARG A 150 -23.31 -17.40 17.47
C ARG A 150 -23.89 -18.56 18.27
N VAL A 151 -23.06 -19.14 19.12
CA VAL A 151 -23.42 -20.33 19.88
C VAL A 151 -23.18 -20.01 21.35
N VAL A 152 -24.08 -20.44 22.23
CA VAL A 152 -23.94 -20.14 23.65
C VAL A 152 -23.80 -21.43 24.46
N PRO A 153 -22.98 -21.39 25.51
CA PRO A 153 -22.79 -22.58 26.36
C PRO A 153 -24.02 -22.90 27.18
N ALA A 154 -24.10 -24.16 27.61
CA ALA A 154 -25.17 -24.56 28.54
C ALA A 154 -24.82 -24.04 29.91
N GLU A 155 -25.76 -24.17 30.86
CA GLU A 155 -25.50 -23.73 32.23
C GLU A 155 -24.24 -24.39 32.82
N ASP A 156 -23.91 -25.59 32.34
CA ASP A 156 -22.70 -26.31 32.77
C ASP A 156 -21.43 -25.94 31.99
N GLY A 157 -21.56 -25.09 30.97
CA GLY A 157 -20.42 -24.63 30.20
C GLY A 157 -20.16 -25.34 28.89
N SER A 158 -20.86 -26.44 28.64
CA SER A 158 -20.67 -27.21 27.41
C SER A 158 -21.24 -26.46 26.20
N ILE A 159 -20.58 -26.63 25.06
CA ILE A 159 -21.05 -26.07 23.79
C ILE A 159 -21.20 -27.22 22.79
N GLU A 160 -21.98 -26.98 21.75
CA GLU A 160 -22.30 -27.99 20.74
C GLU A 160 -23.00 -27.34 19.57
N PHE A 161 -22.46 -27.54 18.37
CA PHE A 161 -23.14 -27.17 17.15
C PHE A 161 -22.88 -28.17 16.01
N HIS A 162 -23.72 -28.11 14.97
CA HIS A 162 -23.54 -28.93 13.77
C HIS A 162 -23.30 -28.06 12.56
N SER A 163 -22.46 -28.56 11.64
CA SER A 163 -22.14 -27.89 10.38
C SER A 163 -21.63 -28.93 9.36
N ILE A 164 -21.10 -28.48 8.23
CA ILE A 164 -20.28 -29.35 7.41
C ILE A 164 -18.82 -29.20 7.87
N ARG A 165 -18.03 -30.27 7.78
CA ARG A 165 -16.61 -30.15 8.14
C ARG A 165 -15.94 -29.27 7.09
N PRO A 166 -15.21 -28.25 7.52
CA PRO A 166 -14.49 -27.40 6.58
C PRO A 166 -13.35 -28.23 5.99
N VAL A 167 -13.01 -27.90 4.76
CA VAL A 167 -11.94 -28.54 4.03
C VAL A 167 -10.95 -27.40 3.67
N PRO A 168 -9.72 -27.71 3.26
CA PRO A 168 -8.78 -26.66 2.83
C PRO A 168 -9.36 -25.74 1.75
N TYR A 169 -8.80 -24.54 1.59
CA TYR A 169 -9.23 -23.64 0.52
C TYR A 169 -8.12 -22.76 0.01
N GLU A 170 -8.33 -22.15 -1.16
CA GLU A 170 -7.30 -21.30 -1.75
C GLU A 170 -7.75 -19.89 -2.06
N ILE A 171 -6.92 -18.94 -1.65
CA ILE A 171 -7.10 -17.53 -1.98
C ILE A 171 -7.16 -17.44 -3.49
N PRO A 172 -8.20 -16.79 -4.01
CA PRO A 172 -8.39 -16.67 -5.46
C PRO A 172 -7.07 -16.53 -6.21
N LYS A 173 -6.72 -17.58 -6.95
CA LYS A 173 -5.51 -17.59 -7.78
C LYS A 173 -5.45 -16.41 -8.76
N ALA A 174 -6.61 -15.86 -9.12
CA ALA A 174 -6.68 -14.80 -10.14
C ALA A 174 -6.56 -13.37 -9.62
N GLY A 175 -6.80 -13.17 -8.32
CA GLY A 175 -6.58 -11.86 -7.73
C GLY A 175 -5.10 -11.54 -7.57
N PRO A 176 -4.78 -10.25 -7.39
CA PRO A 176 -3.40 -9.79 -7.19
C PRO A 176 -2.66 -10.52 -6.06
N THR A 177 -3.39 -10.93 -5.02
CA THR A 177 -2.81 -11.72 -3.95
C THR A 177 -2.44 -13.10 -4.47
N GLY A 178 -3.42 -13.79 -5.08
CA GLY A 178 -3.23 -15.11 -5.68
C GLY A 178 -2.12 -15.15 -6.72
N GLN A 179 -2.11 -14.13 -7.59
CA GLN A 179 -1.02 -13.92 -8.55
C GLN A 179 0.36 -13.87 -7.86
N LEU A 180 0.50 -13.00 -6.83
CA LEU A 180 1.76 -12.91 -6.10
C LEU A 180 2.17 -14.25 -5.51
N MET A 181 1.27 -14.88 -4.76
CA MET A 181 1.56 -16.21 -4.18
C MET A 181 1.83 -17.34 -5.19
N ASN A 182 1.14 -17.31 -6.34
CA ASN A 182 1.21 -18.45 -7.26
C ASN A 182 2.19 -18.30 -8.41
N SER A 183 2.07 -17.20 -9.17
CA SER A 183 2.99 -16.99 -10.26
C SER A 183 4.29 -16.44 -9.70
N TYR A 184 4.25 -15.16 -9.36
CA TYR A 184 5.42 -14.42 -8.97
C TYR A 184 6.31 -15.11 -7.93
N LEU A 185 5.71 -15.81 -6.97
CA LEU A 185 6.53 -16.44 -5.92
C LEU A 185 6.77 -17.94 -6.11
N GLY A 186 5.94 -18.58 -6.93
CA GLY A 186 6.04 -20.01 -7.21
C GLY A 186 5.66 -20.86 -6.04
N ARG A 187 4.77 -20.33 -5.18
CA ARG A 187 4.22 -21.11 -4.07
C ARG A 187 2.75 -21.35 -4.37
N HIS A 188 1.94 -21.65 -3.34
CA HIS A 188 0.51 -21.79 -3.52
C HIS A 188 -0.25 -20.71 -2.71
N SER A 189 -1.58 -20.68 -2.84
CA SER A 189 -2.39 -19.77 -2.04
C SER A 189 -3.41 -20.51 -1.18
N TRP A 190 -2.98 -21.64 -0.62
CA TRP A 190 -3.85 -22.52 0.17
C TRP A 190 -3.72 -22.33 1.68
N ARG A 191 -4.85 -22.47 2.37
CA ARG A 191 -4.92 -22.52 3.82
C ARG A 191 -5.44 -23.90 4.16
N PRO A 192 -4.97 -24.49 5.27
CA PRO A 192 -5.59 -25.69 5.81
C PRO A 192 -7.03 -25.41 6.22
N ALA A 193 -7.86 -26.45 6.30
CA ALA A 193 -9.23 -26.33 6.76
C ALA A 193 -9.26 -25.76 8.18
N HIS A 194 -10.22 -24.88 8.45
CA HIS A 194 -10.32 -24.28 9.76
C HIS A 194 -11.74 -23.76 10.05
N ILE A 195 -12.14 -23.92 11.30
CA ILE A 195 -13.22 -23.16 11.90
C ILE A 195 -12.64 -21.92 12.59
N HIS A 196 -13.09 -20.73 12.18
CA HIS A 196 -12.78 -19.51 12.93
C HIS A 196 -13.66 -19.43 14.15
N ILE A 197 -13.09 -18.88 15.22
CA ILE A 197 -13.79 -18.71 16.47
C ILE A 197 -13.52 -17.34 17.06
N ARG A 198 -14.59 -16.69 17.53
CA ARG A 198 -14.45 -15.59 18.46
C ARG A 198 -15.31 -15.84 19.68
N ILE A 199 -14.71 -15.75 20.86
CA ILE A 199 -15.48 -15.81 22.10
C ILE A 199 -15.32 -14.51 22.89
N THR A 200 -16.43 -13.93 23.31
CA THR A 200 -16.36 -12.83 24.24
C THR A 200 -17.20 -13.19 25.43
N ALA A 201 -16.81 -12.64 26.59
CA ALA A 201 -17.57 -12.74 27.82
C ALA A 201 -17.20 -11.56 28.72
N ASP A 202 -18.22 -10.88 29.26
CA ASP A 202 -18.00 -9.88 30.27
C ASP A 202 -17.02 -10.41 31.33
N GLY A 203 -15.90 -9.72 31.50
CA GLY A 203 -14.97 -10.07 32.55
C GLY A 203 -13.74 -10.74 31.98
N TYR A 204 -13.83 -11.15 30.72
CA TYR A 204 -12.75 -11.92 30.10
C TYR A 204 -12.26 -11.24 28.83
N ARG A 205 -10.97 -11.38 28.56
CA ARG A 205 -10.41 -10.93 27.30
C ARG A 205 -11.04 -11.76 26.18
N PRO A 206 -11.47 -11.08 25.11
CA PRO A 206 -12.00 -11.77 23.92
C PRO A 206 -10.99 -12.73 23.36
N LEU A 207 -11.47 -13.81 22.77
CA LEU A 207 -10.60 -14.77 22.13
C LEU A 207 -10.99 -14.84 20.66
N ILE A 208 -10.02 -14.55 19.82
CA ILE A 208 -10.16 -14.82 18.41
C ILE A 208 -9.17 -15.93 18.11
N THR A 209 -9.69 -17.02 17.55
CA THR A 209 -8.86 -18.17 17.24
C THR A 209 -9.40 -19.02 16.08
N GLN A 210 -8.68 -20.09 15.77
CA GLN A 210 -9.01 -20.98 14.67
C GLN A 210 -8.79 -22.41 15.13
N LEU A 211 -9.62 -23.31 14.64
CA LEU A 211 -9.49 -24.72 14.99
C LEU A 211 -9.13 -25.52 13.74
N TYR A 212 -8.02 -26.25 13.78
CA TYR A 212 -7.53 -26.99 12.62
C TYR A 212 -7.72 -28.50 12.79
N PHE A 213 -7.48 -29.25 11.71
CA PHE A 213 -7.69 -30.70 11.72
C PHE A 213 -6.41 -31.50 11.45
N GLU A 214 -6.18 -32.50 12.30
CA GLU A 214 -5.08 -33.46 12.15
C GLU A 214 -4.97 -34.06 10.75
N GLY A 215 -3.76 -34.10 10.21
CA GLY A 215 -3.51 -34.71 8.93
C GLY A 215 -3.76 -33.80 7.73
N ASP A 216 -4.44 -32.68 7.95
CA ASP A 216 -4.61 -31.68 6.90
C ASP A 216 -3.32 -31.51 6.10
N PRO A 217 -3.43 -31.64 4.78
CA PRO A 217 -2.29 -31.53 3.87
C PRO A 217 -1.51 -30.24 3.92
N TYR A 218 -2.11 -29.15 4.41
CA TYR A 218 -1.47 -27.85 4.40
C TYR A 218 -1.10 -27.39 5.81
N LEU A 219 -1.25 -28.31 6.77
CA LEU A 219 -0.99 -28.04 8.19
C LEU A 219 0.40 -27.45 8.36
N ASP A 220 1.33 -27.93 7.54
CA ASP A 220 2.72 -27.48 7.54
C ASP A 220 3.03 -26.62 6.31
N SER A 221 2.00 -26.05 5.70
CA SER A 221 2.21 -25.25 4.50
C SER A 221 1.29 -24.05 4.35
N ASP A 222 0.87 -23.44 5.46
CA ASP A 222 -0.12 -22.37 5.40
C ASP A 222 0.37 -21.18 4.58
N SER A 223 -0.36 -20.84 3.52
CA SER A 223 0.00 -19.68 2.71
C SER A 223 -0.13 -18.34 3.49
N CYS A 224 -0.85 -18.40 4.61
CA CYS A 224 -1.11 -17.25 5.48
C CYS A 224 -0.32 -17.28 6.77
N SER A 225 0.38 -18.39 7.02
CA SER A 225 1.35 -18.50 8.11
C SER A 225 0.70 -18.53 9.50
N ALA A 226 -0.48 -19.11 9.59
CA ALA A 226 -1.29 -18.92 10.79
C ALA A 226 -1.52 -20.12 11.68
N VAL A 227 -0.96 -21.29 11.37
CA VAL A 227 -1.30 -22.48 12.18
C VAL A 227 -0.44 -22.62 13.42
N LYS A 228 -1.01 -23.22 14.45
CA LYS A 228 -0.39 -23.40 15.75
C LYS A 228 -0.76 -24.78 16.26
N SER A 229 0.25 -25.55 16.69
CA SER A 229 0.12 -26.97 17.00
C SER A 229 -1.00 -27.24 18.02
N GLU A 230 -1.14 -26.34 18.98
CA GLU A 230 -2.06 -26.56 20.10
C GLU A 230 -3.51 -26.29 19.69
N LEU A 231 -3.70 -25.92 18.42
CA LEU A 231 -5.03 -25.70 17.85
C LEU A 231 -5.34 -26.74 16.76
N VAL A 232 -4.60 -27.85 16.75
CA VAL A 232 -4.81 -28.92 15.78
C VAL A 232 -5.54 -30.09 16.43
N LEU A 233 -6.70 -30.44 15.87
CA LEU A 233 -7.64 -31.32 16.55
C LEU A 233 -7.79 -32.72 15.95
N PRO A 234 -7.83 -33.72 16.82
CA PRO A 234 -8.20 -35.07 16.45
C PRO A 234 -9.56 -35.08 15.78
N VAL A 235 -9.73 -35.91 14.76
CA VAL A 235 -11.06 -36.12 14.19
C VAL A 235 -11.53 -37.56 14.42
N ASN A 236 -12.71 -37.70 15.01
CA ASN A 236 -13.35 -38.99 15.15
C ASN A 236 -14.51 -39.12 14.16
N LYS A 237 -14.85 -40.35 13.82
CA LYS A 237 -15.99 -40.61 12.95
C LYS A 237 -16.80 -41.73 13.55
N ILE A 238 -17.92 -41.36 14.17
CA ILE A 238 -18.74 -42.33 14.85
C ILE A 238 -20.20 -42.26 14.36
N ASP A 239 -20.49 -43.12 13.38
CA ASP A 239 -21.82 -43.33 12.77
C ASP A 239 -23.00 -43.10 13.70
N ILE A 240 -23.99 -42.36 13.19
CA ILE A 240 -25.32 -42.26 13.80
C ILE A 240 -26.32 -42.71 12.74
N ASP A 241 -27.26 -43.57 13.13
CA ASP A 241 -28.19 -44.28 12.23
C ASP A 241 -27.85 -44.15 10.73
N GLY A 242 -27.06 -45.10 10.23
CA GLY A 242 -26.67 -45.12 8.82
C GLY A 242 -26.30 -43.78 8.23
N GLU A 243 -25.48 -43.02 8.98
CA GLU A 243 -24.97 -41.70 8.56
C GLU A 243 -23.65 -41.38 9.30
N THR A 244 -22.58 -41.20 8.55
CA THR A 244 -21.27 -40.95 9.17
C THR A 244 -20.98 -39.46 9.46
N TRP A 245 -20.61 -39.19 10.72
CA TRP A 245 -20.37 -37.84 11.22
C TRP A 245 -18.93 -37.66 11.63
N GLN A 246 -18.36 -36.50 11.30
CA GLN A 246 -17.05 -36.13 11.80
C GLN A 246 -17.23 -35.46 13.15
N LEU A 247 -16.51 -35.98 14.15
CA LEU A 247 -16.64 -35.54 15.54
C LEU A 247 -15.42 -34.74 15.98
N VAL A 248 -15.66 -33.50 16.40
CA VAL A 248 -14.57 -32.62 16.79
C VAL A 248 -14.91 -31.99 18.14
N ASP A 249 -13.90 -31.90 19.01
CA ASP A 249 -14.11 -31.50 20.39
C ASP A 249 -13.03 -30.52 20.82
N PHE A 250 -13.44 -29.42 21.47
CA PHE A 250 -12.46 -28.46 21.97
C PHE A 250 -12.94 -27.72 23.21
N ASN A 251 -12.04 -27.62 24.19
CA ASN A 251 -12.38 -26.93 25.42
C ASN A 251 -11.59 -25.64 25.53
N PHE A 252 -12.30 -24.54 25.41
CA PHE A 252 -11.72 -23.20 25.43
C PHE A 252 -11.49 -22.71 26.85
N ILE A 253 -10.30 -22.17 27.10
CA ILE A 253 -10.01 -21.44 28.33
C ILE A 253 -9.73 -19.97 28.00
N LEU A 254 -10.49 -19.09 28.66
CA LEU A 254 -10.37 -17.63 28.52
C LEU A 254 -9.61 -17.02 29.69
N GLN A 255 -9.01 -15.85 29.48
CA GLN A 255 -8.35 -15.10 30.55
C GLN A 255 -9.25 -14.01 31.12
N HIS A 256 -9.21 -13.85 32.44
CA HIS A 256 -9.90 -12.77 33.18
C HIS A 256 -9.47 -11.37 32.73
N ASN A 257 -10.39 -10.40 32.92
CA ASN A 257 -10.22 -8.94 32.71
C ASN A 257 -10.95 -8.35 31.49
N ALA B 2 9.41 -11.00 -12.39
CA ALA B 2 10.66 -11.78 -12.41
C ALA B 2 10.68 -12.74 -11.20
N ASN B 3 9.96 -13.86 -11.33
CA ASN B 3 9.96 -14.94 -10.32
C ASN B 3 11.10 -14.78 -9.30
N THR B 4 12.34 -15.08 -9.70
CA THR B 4 13.46 -15.12 -8.75
C THR B 4 13.74 -13.80 -8.00
N ARG B 5 13.67 -12.68 -8.73
CA ARG B 5 13.88 -11.34 -8.18
C ARG B 5 12.74 -10.85 -7.29
N VAL B 6 11.48 -11.22 -7.58
CA VAL B 6 10.43 -10.86 -6.64
C VAL B 6 10.44 -11.77 -5.42
N ILE B 7 10.87 -13.02 -5.58
CA ILE B 7 11.10 -13.87 -4.41
C ILE B 7 12.11 -13.25 -3.42
N GLU B 8 13.27 -12.80 -3.88
CA GLU B 8 14.28 -12.23 -3.00
C GLU B 8 13.78 -10.98 -2.26
N LEU B 9 13.35 -9.97 -3.02
CA LEU B 9 12.86 -8.72 -2.46
C LEU B 9 11.66 -8.94 -1.53
N PHE B 10 10.71 -9.78 -1.95
CA PHE B 10 9.49 -9.94 -1.18
C PHE B 10 9.72 -10.58 0.17
N ASP B 11 10.53 -11.64 0.16
CA ASP B 11 10.87 -12.35 1.37
C ASP B 11 11.64 -11.41 2.27
N GLU B 12 12.59 -10.70 1.71
CA GLU B 12 13.31 -9.67 2.44
C GLU B 12 12.42 -8.55 2.99
N PHE B 13 11.47 -8.10 2.18
CA PHE B 13 10.49 -7.10 2.56
C PHE B 13 9.62 -7.64 3.70
N THR B 14 9.13 -8.86 3.52
CA THR B 14 8.34 -9.52 4.54
C THR B 14 9.03 -9.55 5.91
N ASP B 15 10.32 -9.92 5.95
CA ASP B 15 11.07 -9.94 7.21
C ASP B 15 11.22 -8.55 7.77
N LEU B 16 11.37 -7.58 6.89
CA LEU B 16 11.53 -6.21 7.32
C LEU B 16 10.29 -5.74 8.07
N ILE B 17 9.11 -5.87 7.46
CA ILE B 17 7.87 -5.39 8.04
C ILE B 17 7.47 -6.17 9.31
N ARG B 18 7.63 -7.50 9.32
CA ARG B 18 7.30 -8.29 10.52
C ARG B 18 8.16 -7.87 11.71
N ASP B 19 9.45 -7.69 11.44
CA ASP B 19 10.40 -7.26 12.44
C ASP B 19 9.97 -5.89 12.97
N PHE B 20 9.46 -5.04 12.08
CA PHE B 20 8.98 -3.73 12.45
C PHE B 20 7.77 -3.88 13.35
N ILE B 21 6.79 -4.65 12.90
CA ILE B 21 5.62 -5.00 13.72
C ILE B 21 6.02 -5.50 15.12
N VAL B 22 6.99 -6.40 15.20
CA VAL B 22 7.37 -6.96 16.50
C VAL B 22 8.01 -5.90 17.41
N ARG B 23 9.12 -5.31 16.95
CA ARG B 23 9.88 -4.32 17.71
C ARG B 23 9.03 -3.15 18.28
N HIS B 24 8.15 -2.59 17.46
CA HIS B 24 7.28 -1.47 17.85
C HIS B 24 5.93 -1.96 18.39
N GLU B 25 5.76 -3.27 18.43
CA GLU B 25 4.57 -3.88 18.99
C GLU B 25 3.30 -3.29 18.42
N ILE B 26 3.17 -3.29 17.09
CA ILE B 26 1.97 -2.72 16.47
C ILE B 26 0.76 -3.55 16.92
N THR B 27 -0.25 -2.84 17.45
CA THR B 27 -1.44 -3.45 18.01
C THR B 27 -2.45 -3.76 16.91
N THR B 28 -3.52 -4.48 17.26
CA THR B 28 -4.59 -4.78 16.32
C THR B 28 -5.24 -3.48 15.80
N PRO B 29 -5.65 -2.59 16.70
CA PRO B 29 -6.22 -1.29 16.29
C PRO B 29 -5.27 -0.48 15.41
N GLU B 30 -3.97 -0.45 15.73
CA GLU B 30 -3.00 0.27 14.91
C GLU B 30 -2.94 -0.30 13.49
N TYR B 31 -2.93 -1.62 13.43
CA TYR B 31 -2.88 -2.38 12.18
C TYR B 31 -4.10 -2.11 11.31
N GLU B 32 -5.28 -2.13 11.93
CA GLU B 32 -6.52 -1.82 11.25
C GLU B 32 -6.53 -0.37 10.74
N THR B 33 -5.89 0.52 11.48
CA THR B 33 -5.81 1.91 11.05
C THR B 33 -4.91 2.01 9.81
N ILE B 34 -3.74 1.40 9.86
CA ILE B 34 -2.87 1.32 8.68
C ILE B 34 -3.64 0.74 7.50
N MET B 35 -4.34 -0.36 7.72
CA MET B 35 -5.14 -0.98 6.69
C MET B 35 -6.15 -0.04 6.04
N GLN B 36 -6.93 0.66 6.89
CA GLN B 36 -7.87 1.69 6.47
C GLN B 36 -7.19 2.81 5.70
N TYR B 37 -6.04 3.23 6.20
CA TYR B 37 -5.36 4.29 5.50
C TYR B 37 -4.95 3.84 4.11
N MET B 38 -4.49 2.60 3.97
CA MET B 38 -4.00 2.11 2.68
C MET B 38 -5.11 2.10 1.64
N ILE B 39 -6.30 1.68 2.09
CA ILE B 39 -7.51 1.77 1.28
C ILE B 39 -7.79 3.24 0.90
N SER B 40 -7.86 4.12 1.89
CA SER B 40 -7.98 5.58 1.65
C SER B 40 -7.22 6.09 0.44
N VAL B 41 -5.93 5.73 0.38
CA VAL B 41 -5.03 6.28 -0.61
C VAL B 41 -5.41 5.76 -1.97
N GLY B 42 -5.77 4.48 -2.01
CA GLY B 42 -6.28 3.85 -3.21
C GLY B 42 -7.57 4.47 -3.73
N GLU B 43 -8.55 4.66 -2.85
CA GLU B 43 -9.82 5.29 -3.25
C GLU B 43 -9.69 6.73 -3.77
N ALA B 44 -8.76 7.49 -3.22
CA ALA B 44 -8.30 8.71 -3.90
C ALA B 44 -7.44 8.25 -5.09
N GLY B 45 -6.93 9.17 -5.90
CA GLY B 45 -6.06 8.68 -6.97
C GLY B 45 -4.61 8.78 -6.58
N GLU B 46 -4.30 8.44 -5.32
CA GLU B 46 -3.10 8.96 -4.68
C GLU B 46 -1.87 8.04 -4.52
N TRP B 47 -1.96 6.77 -4.91
CA TRP B 47 -0.76 5.93 -4.82
C TRP B 47 0.47 6.53 -5.53
N PRO B 48 0.35 6.92 -6.80
CA PRO B 48 1.47 7.59 -7.47
C PRO B 48 1.90 8.87 -6.74
N LEU B 49 0.94 9.63 -6.23
CA LEU B 49 1.29 10.86 -5.54
C LEU B 49 1.98 10.56 -4.21
N TRP B 50 1.46 9.56 -3.49
CA TRP B 50 1.96 9.17 -2.18
C TRP B 50 3.37 8.56 -2.29
N LEU B 51 3.51 7.57 -3.15
CA LEU B 51 4.80 6.91 -3.38
C LEU B 51 5.87 7.88 -3.89
N ASP B 52 5.48 8.80 -4.78
CA ASP B 52 6.44 9.74 -5.35
C ASP B 52 6.86 10.71 -4.30
N ALA B 53 5.92 11.06 -3.41
CA ALA B 53 6.21 12.00 -2.33
C ALA B 53 7.25 11.43 -1.36
N PHE B 54 7.14 10.14 -1.05
CA PHE B 54 7.93 9.58 0.04
C PHE B 54 9.13 8.74 -0.40
N PHE B 55 8.99 8.07 -1.54
CA PHE B 55 9.98 7.07 -1.94
C PHE B 55 10.66 7.30 -3.31
N GLU B 56 10.11 8.18 -4.17
CA GLU B 56 10.75 8.41 -5.46
C GLU B 56 12.10 9.12 -5.35
N THR B 57 12.22 10.05 -4.41
CA THR B 57 13.54 10.64 -4.11
C THR B 57 14.65 9.58 -4.04
N THR B 58 14.30 8.40 -3.52
CA THR B 58 15.25 7.34 -3.28
C THR B 58 15.47 6.48 -4.51
N VAL B 59 14.38 6.07 -5.16
CA VAL B 59 14.45 5.36 -6.43
C VAL B 59 15.31 6.18 -7.41
N ASP B 60 15.18 7.50 -7.33
CA ASP B 60 15.95 8.43 -8.16
C ASP B 60 17.46 8.32 -7.93
N SER B 61 17.90 8.55 -6.68
CA SER B 61 19.31 8.48 -6.31
C SER B 61 19.99 7.12 -6.55
N VAL B 62 19.21 6.10 -6.90
CA VAL B 62 19.75 4.78 -7.26
C VAL B 62 19.95 4.70 -8.79
N SER B 63 19.02 5.33 -9.51
CA SER B 63 18.99 5.25 -10.97
C SER B 63 20.06 6.07 -11.70
N TYR B 64 20.63 7.09 -11.06
CA TYR B 64 21.52 8.02 -11.76
C TYR B 64 22.85 8.31 -11.07
N GLY B 65 22.83 8.80 -9.84
CA GLY B 65 24.07 9.04 -9.12
C GLY B 65 24.87 10.22 -9.64
N LYS B 66 25.60 10.87 -8.72
CA LYS B 66 26.23 12.15 -8.98
C LYS B 66 27.43 12.09 -9.93
N GLY B 67 28.02 13.27 -10.17
CA GLY B 67 29.25 13.42 -10.92
C GLY B 67 29.28 14.76 -11.65
N ASN B 68 29.93 14.78 -12.82
CA ASN B 68 29.89 15.95 -13.68
C ASN B 68 28.67 15.93 -14.63
N TRP B 69 27.94 14.82 -14.62
CA TRP B 69 26.59 14.70 -15.15
C TRP B 69 25.80 15.89 -14.66
N THR B 70 24.64 16.18 -15.26
CA THR B 70 23.71 17.01 -14.53
C THR B 70 23.00 16.05 -13.61
N SER B 71 22.95 16.41 -12.33
CA SER B 71 22.26 15.62 -11.32
C SER B 71 20.78 15.53 -11.63
N SER B 72 20.28 14.29 -11.64
CA SER B 72 18.88 13.99 -11.93
C SER B 72 17.99 14.43 -10.78
N ALA B 73 16.68 14.26 -10.97
CA ALA B 73 15.74 14.47 -9.89
C ALA B 73 14.42 13.78 -10.17
N ILE B 74 13.64 13.62 -9.11
CA ILE B 74 12.39 12.88 -9.17
C ILE B 74 11.46 13.44 -10.25
N GLN B 75 10.74 12.57 -10.94
CA GLN B 75 9.80 13.00 -11.96
C GLN B 75 8.50 13.53 -11.40
N GLY B 76 8.01 12.91 -10.33
CA GLY B 76 6.68 13.22 -9.85
C GLY B 76 5.60 12.59 -10.71
N PRO B 77 4.35 12.77 -10.30
CA PRO B 77 3.21 12.13 -10.98
C PRO B 77 2.53 13.02 -12.03
N PHE B 78 3.18 14.09 -12.46
CA PHE B 78 2.47 15.06 -13.28
C PHE B 78 2.96 15.27 -14.70
N PHE B 79 3.83 14.39 -15.17
CA PHE B 79 4.39 14.50 -16.51
C PHE B 79 3.35 14.11 -17.55
N LYS B 80 3.42 14.74 -18.71
CA LYS B 80 2.56 14.38 -19.84
C LYS B 80 3.36 14.14 -21.12
N GLU B 81 3.24 12.93 -21.68
CA GLU B 81 3.85 12.62 -22.97
C GLU B 81 3.15 13.39 -24.08
N GLY B 82 3.89 13.60 -25.17
CA GLY B 82 3.38 14.27 -26.34
C GLY B 82 3.12 15.76 -26.19
N ALA B 83 4.00 16.46 -25.47
CA ALA B 83 3.93 17.92 -25.37
C ALA B 83 4.33 18.60 -26.69
N PRO B 84 3.84 19.81 -26.94
CA PRO B 84 4.10 20.50 -28.21
C PRO B 84 5.52 21.04 -28.40
N LEU B 85 6.07 20.78 -29.58
CA LEU B 85 7.37 21.27 -30.03
C LEU B 85 7.24 22.74 -30.43
N LEU B 86 8.00 23.60 -29.75
CA LEU B 86 7.87 25.05 -29.92
C LEU B 86 9.06 25.61 -30.70
N THR B 87 8.78 26.51 -31.64
CA THR B 87 9.83 27.18 -32.44
C THR B 87 9.61 28.66 -32.72
N GLY B 88 8.81 29.36 -31.90
CA GLY B 88 8.71 30.82 -31.97
C GLY B 88 10.07 31.49 -31.86
N LYS B 89 10.15 32.78 -32.22
CA LYS B 89 11.45 33.49 -32.18
C LYS B 89 11.86 33.94 -30.76
N PRO B 90 10.95 34.50 -29.97
CA PRO B 90 11.15 34.58 -28.51
C PRO B 90 11.12 33.17 -27.87
N ALA B 91 10.15 32.35 -28.30
CA ALA B 91 10.00 30.91 -27.98
C ALA B 91 9.32 30.59 -26.63
N THR B 92 8.00 30.54 -26.63
CA THR B 92 7.21 30.56 -25.40
C THR B 92 6.45 29.25 -25.16
N LEU B 93 6.38 28.84 -23.89
CA LEU B 93 5.50 27.76 -23.46
C LEU B 93 4.05 28.20 -23.68
N PRO B 94 3.19 27.30 -24.15
CA PRO B 94 1.77 27.61 -24.30
C PRO B 94 1.12 27.97 -22.95
N MET B 95 0.58 29.18 -22.89
CA MET B 95 -0.07 29.68 -21.70
C MET B 95 -1.25 30.54 -22.12
N ARG B 96 -2.24 30.70 -21.24
CA ARG B 96 -3.40 31.51 -21.61
C ARG B 96 -3.07 33.00 -21.57
N ALA B 97 -3.91 33.81 -22.19
CA ALA B 97 -3.72 35.26 -22.20
C ALA B 97 -3.64 35.75 -20.76
N ASP B 98 -2.71 36.66 -20.52
CA ASP B 98 -2.46 37.23 -19.20
C ASP B 98 -2.22 36.21 -18.08
N GLU B 99 -1.68 35.05 -18.43
CA GLU B 99 -1.29 34.07 -17.42
C GLU B 99 -0.69 34.82 -16.23
N PRO B 100 -1.28 34.65 -15.05
CA PRO B 100 -0.87 35.42 -13.87
C PRO B 100 0.56 35.11 -13.47
N GLY B 101 1.18 36.00 -12.70
CA GLY B 101 2.52 35.77 -12.20
C GLY B 101 3.57 36.50 -13.00
N ASP B 102 4.79 36.50 -12.48
CA ASP B 102 5.91 37.18 -13.10
C ASP B 102 6.32 36.41 -14.34
N ARG B 103 6.79 37.14 -15.35
CA ARG B 103 7.34 36.53 -16.54
C ARG B 103 8.73 35.99 -16.19
N MET B 104 9.15 34.96 -16.91
CA MET B 104 10.44 34.33 -16.65
C MET B 104 11.10 33.90 -17.95
N ARG B 105 12.40 34.16 -18.05
CA ARG B 105 13.18 33.76 -19.23
C ARG B 105 14.24 32.77 -18.81
N PHE B 106 14.31 31.67 -19.53
CA PHE B 106 15.31 30.66 -19.23
C PHE B 106 16.28 30.51 -20.39
N THR B 107 17.56 30.45 -20.03
CA THR B 107 18.62 30.18 -21.00
C THR B 107 19.52 29.08 -20.47
N GLY B 108 20.26 28.45 -21.36
CA GLY B 108 21.25 27.49 -20.94
C GLY B 108 21.77 26.69 -22.08
N SER B 109 22.32 25.52 -21.79
CA SER B 109 22.98 24.74 -22.81
C SER B 109 22.76 23.25 -22.63
N VAL B 110 22.89 22.51 -23.73
CA VAL B 110 22.92 21.05 -23.67
C VAL B 110 24.19 20.56 -24.35
N ARG B 111 25.23 20.41 -23.54
CA ARG B 111 26.52 19.87 -23.96
C ARG B 111 26.71 18.53 -23.24
N ASP B 112 27.62 17.71 -23.75
CA ASP B 112 28.02 16.48 -23.07
C ASP B 112 29.18 16.74 -22.09
N THR B 113 29.76 15.67 -21.57
CA THR B 113 30.88 15.75 -20.63
C THR B 113 32.06 16.56 -21.18
N SER B 114 32.52 16.20 -22.39
CA SER B 114 33.63 16.90 -23.05
C SER B 114 33.34 18.37 -23.31
N GLY B 115 32.05 18.73 -23.40
CA GLY B 115 31.66 20.11 -23.66
C GLY B 115 31.16 20.32 -25.07
N THR B 116 31.06 19.23 -25.83
CA THR B 116 30.51 19.27 -27.18
C THR B 116 28.95 19.32 -27.15
N PRO B 117 28.36 20.39 -27.68
CA PRO B 117 26.91 20.59 -27.63
C PRO B 117 26.16 19.43 -28.29
N ILE B 118 25.06 19.02 -27.67
CA ILE B 118 24.29 17.88 -28.16
C ILE B 118 23.12 18.37 -29.00
N THR B 119 23.33 18.48 -30.31
CA THR B 119 22.33 19.11 -31.18
C THR B 119 21.04 18.28 -31.27
N GLY B 120 21.17 16.96 -31.11
CA GLY B 120 20.04 16.05 -31.23
C GLY B 120 19.11 15.96 -30.03
N ALA B 121 19.31 16.86 -29.05
CA ALA B 121 18.53 16.91 -27.83
C ALA B 121 17.11 17.45 -28.07
N VAL B 122 16.17 16.85 -27.35
CA VAL B 122 14.80 17.35 -27.27
C VAL B 122 14.53 17.53 -25.79
N ILE B 123 14.10 18.72 -25.39
CA ILE B 123 13.86 18.92 -23.98
C ILE B 123 12.38 19.24 -23.63
N ASP B 124 11.75 18.31 -22.91
CA ASP B 124 10.44 18.53 -22.32
C ASP B 124 10.59 19.42 -21.10
N VAL B 125 9.74 20.44 -21.01
CA VAL B 125 9.63 21.26 -19.81
C VAL B 125 8.16 21.43 -19.41
N TRP B 126 7.86 21.20 -18.15
CA TRP B 126 6.51 21.38 -17.61
C TRP B 126 6.57 21.95 -16.19
N HIS B 127 5.58 22.74 -15.82
CA HIS B 127 5.54 23.34 -14.49
C HIS B 127 4.16 23.85 -14.12
N SER B 128 3.99 24.22 -12.86
CA SER B 128 2.70 24.61 -12.34
C SER B 128 2.35 26.04 -12.72
N THR B 129 1.07 26.36 -12.63
CA THR B 129 0.60 27.72 -12.75
C THR B 129 0.93 28.49 -11.47
N ASN B 130 0.74 29.80 -11.50
CA ASN B 130 0.92 30.64 -10.31
C ASN B 130 0.02 30.14 -9.19
N ASP B 131 -1.09 29.52 -9.57
CA ASP B 131 -2.10 29.03 -8.64
C ASP B 131 -1.74 27.68 -8.02
N GLY B 132 -0.82 26.96 -8.65
CA GLY B 132 -0.29 25.71 -8.11
C GLY B 132 -0.92 24.47 -8.72
N ASN B 133 -1.35 24.60 -9.98
CA ASN B 133 -1.96 23.51 -10.70
C ASN B 133 -1.23 23.21 -12.00
N TYR B 134 -1.17 21.92 -12.35
CA TYR B 134 -0.65 21.50 -13.64
C TYR B 134 -1.81 21.18 -14.56
N SER B 135 -1.75 21.66 -15.80
CA SER B 135 -2.70 21.25 -16.84
C SER B 135 -2.75 19.73 -16.94
N PHE B 136 -3.94 19.20 -17.25
CA PHE B 136 -4.21 17.75 -17.28
C PHE B 136 -4.51 17.14 -15.92
N PHE B 137 -4.15 17.85 -14.86
CA PHE B 137 -4.33 17.35 -13.52
C PHE B 137 -5.12 18.29 -12.62
N SER B 138 -6.06 19.05 -13.21
CA SER B 138 -6.89 19.97 -12.45
C SER B 138 -8.17 20.43 -13.17
N PRO B 139 -9.31 20.36 -12.48
CA PRO B 139 -10.59 20.88 -12.99
C PRO B 139 -10.58 22.37 -13.34
N ALA B 140 -9.79 23.16 -12.60
CA ALA B 140 -9.62 24.59 -12.87
C ALA B 140 -8.78 24.86 -14.12
N LEU B 141 -8.29 23.80 -14.76
CA LEU B 141 -7.48 23.94 -15.97
C LEU B 141 -7.95 23.05 -17.11
N PRO B 142 -7.92 23.59 -18.32
CA PRO B 142 -8.17 22.81 -19.55
C PRO B 142 -7.28 21.56 -19.60
N ASP B 143 -7.82 20.47 -20.14
CA ASP B 143 -7.02 19.28 -20.38
C ASP B 143 -6.30 19.42 -21.73
N GLN B 144 -5.48 20.47 -21.80
CA GLN B 144 -4.71 20.86 -22.97
C GLN B 144 -3.31 21.20 -22.50
N TYR B 145 -2.35 21.18 -23.41
CA TYR B 145 -0.96 21.53 -23.08
C TYR B 145 -0.82 23.02 -22.74
N LEU B 146 -0.59 23.28 -21.47
CA LEU B 146 -0.37 24.62 -20.95
C LEU B 146 0.78 24.52 -19.97
N LEU B 147 1.72 25.45 -20.08
CA LEU B 147 2.97 25.39 -19.34
C LEU B 147 3.62 24.02 -19.50
N ARG B 148 3.43 23.44 -20.69
CA ARG B 148 4.05 22.17 -21.05
C ARG B 148 4.53 22.34 -22.49
N GLY B 149 5.73 21.84 -22.78
CA GLY B 149 6.33 22.06 -24.08
C GLY B 149 7.65 21.40 -24.33
N ARG B 150 8.02 21.37 -25.61
CA ARG B 150 9.25 20.74 -26.06
C ARG B 150 10.13 21.75 -26.76
N VAL B 151 11.41 21.73 -26.43
CA VAL B 151 12.35 22.71 -26.94
C VAL B 151 13.58 22.02 -27.52
N VAL B 152 14.05 22.55 -28.64
CA VAL B 152 15.20 22.00 -29.31
C VAL B 152 16.32 23.05 -29.21
N PRO B 153 17.53 22.61 -28.87
CA PRO B 153 18.67 23.52 -28.77
C PRO B 153 19.12 24.02 -30.13
N ALA B 154 19.72 25.21 -30.14
CA ALA B 154 20.44 25.73 -31.29
C ALA B 154 21.65 24.84 -31.57
N GLU B 155 22.16 24.87 -32.81
CA GLU B 155 23.32 24.06 -33.18
C GLU B 155 24.61 24.30 -32.35
N ASP B 156 24.67 25.40 -31.60
CA ASP B 156 25.78 25.64 -30.66
C ASP B 156 25.50 25.14 -29.24
N GLY B 157 24.35 24.51 -29.03
CA GLY B 157 24.00 24.00 -27.72
C GLY B 157 22.93 24.79 -26.99
N SER B 158 23.05 26.11 -26.96
CA SER B 158 22.18 26.99 -26.18
C SER B 158 20.66 26.76 -26.35
N ILE B 159 19.92 27.00 -25.28
CA ILE B 159 18.47 26.89 -25.28
C ILE B 159 17.85 28.13 -24.63
N GLU B 160 16.64 28.46 -25.07
CA GLU B 160 15.90 29.56 -24.46
C GLU B 160 14.41 29.34 -24.59
N PHE B 161 13.67 29.61 -23.53
CA PHE B 161 12.22 29.69 -23.60
C PHE B 161 11.70 30.73 -22.62
N HIS B 162 10.53 31.27 -22.92
CA HIS B 162 9.86 32.21 -22.04
C HIS B 162 8.63 31.53 -21.46
N SER B 163 8.27 31.92 -20.24
CA SER B 163 7.15 31.34 -19.52
C SER B 163 6.78 32.27 -18.39
N ILE B 164 6.03 31.77 -17.42
CA ILE B 164 5.88 32.46 -16.17
C ILE B 164 6.74 31.76 -15.13
N ARG B 165 7.07 32.46 -14.06
CA ARG B 165 7.82 31.88 -12.95
C ARG B 165 6.92 30.90 -12.22
N PRO B 166 7.34 29.65 -12.10
CA PRO B 166 6.65 28.69 -11.24
C PRO B 166 6.74 29.14 -9.79
N VAL B 167 5.74 28.80 -8.97
CA VAL B 167 5.80 29.11 -7.55
C VAL B 167 5.54 27.86 -6.71
N PRO B 168 5.85 27.93 -5.40
CA PRO B 168 5.63 26.79 -4.50
C PRO B 168 4.16 26.41 -4.50
N TYR B 169 3.86 25.12 -4.64
CA TYR B 169 2.47 24.66 -4.56
C TYR B 169 2.27 23.67 -3.44
N GLU B 170 1.01 23.48 -3.08
CA GLU B 170 0.62 22.61 -2.00
C GLU B 170 0.01 21.32 -2.53
N ILE B 171 0.45 20.19 -1.99
CA ILE B 171 -0.23 18.92 -2.21
C ILE B 171 -1.48 18.95 -1.32
N PRO B 172 -2.65 18.71 -1.91
CA PRO B 172 -3.96 19.07 -1.30
C PRO B 172 -4.18 18.69 0.18
N LYS B 173 -4.48 19.68 1.01
CA LYS B 173 -4.62 19.48 2.46
C LYS B 173 -5.55 18.32 2.86
N ALA B 174 -6.61 18.13 2.09
CA ALA B 174 -7.70 17.23 2.46
C ALA B 174 -7.50 15.78 1.99
N GLY B 175 -6.60 15.57 1.05
CA GLY B 175 -6.24 14.22 0.63
C GLY B 175 -5.55 13.37 1.71
N PRO B 176 -5.74 12.05 1.66
CA PRO B 176 -5.02 11.11 2.53
C PRO B 176 -3.52 11.44 2.68
N THR B 177 -2.86 11.80 1.59
CA THR B 177 -1.46 12.21 1.61
C THR B 177 -1.28 13.51 2.38
N GLY B 178 -2.04 14.53 1.98
CA GLY B 178 -2.07 15.81 2.65
C GLY B 178 -2.38 15.61 4.12
N GLN B 179 -3.46 14.87 4.42
CA GLN B 179 -3.84 14.56 5.80
C GLN B 179 -2.66 13.99 6.58
N LEU B 180 -1.92 13.08 5.95
CA LEU B 180 -0.73 12.52 6.55
C LEU B 180 0.33 13.59 6.78
N MET B 181 0.53 14.47 5.79
CA MET B 181 1.61 15.45 5.88
C MET B 181 1.22 16.57 6.85
N ASN B 182 -0.07 16.92 6.84
CA ASN B 182 -0.55 18.08 7.59
C ASN B 182 -1.12 17.73 8.96
N SER B 183 -2.05 16.78 8.98
CA SER B 183 -2.73 16.42 10.21
C SER B 183 -1.89 15.49 11.10
N TYR B 184 -1.62 14.25 10.65
CA TYR B 184 -1.00 13.22 11.51
C TYR B 184 0.48 13.45 11.77
N LEU B 185 1.19 13.89 10.74
CA LEU B 185 2.61 14.21 10.88
C LEU B 185 2.87 15.64 11.40
N GLY B 186 1.85 16.50 11.31
CA GLY B 186 1.96 17.90 11.73
C GLY B 186 3.07 18.66 11.02
N ARG B 187 3.15 18.50 9.71
CA ARG B 187 4.13 19.24 8.92
C ARG B 187 3.38 20.10 7.91
N HIS B 188 3.86 20.13 6.67
CA HIS B 188 3.15 20.80 5.59
C HIS B 188 3.22 19.96 4.34
N SER B 189 2.45 20.32 3.31
CA SER B 189 2.46 19.56 2.07
C SER B 189 2.93 20.40 0.89
N TRP B 190 3.71 21.44 1.20
CA TRP B 190 4.20 22.38 0.19
C TRP B 190 5.44 21.82 -0.49
N ARG B 191 5.50 21.94 -1.81
CA ARG B 191 6.72 21.73 -2.57
C ARG B 191 7.32 23.10 -2.86
N PRO B 192 8.65 23.20 -2.96
CA PRO B 192 9.29 24.45 -3.41
C PRO B 192 9.12 24.63 -4.92
N ALA B 193 9.22 25.87 -5.39
CA ALA B 193 9.03 26.17 -6.81
C ALA B 193 10.03 25.42 -7.67
N HIS B 194 9.59 24.99 -8.84
CA HIS B 194 10.45 24.23 -9.72
C HIS B 194 9.96 24.22 -11.14
N ILE B 195 10.85 23.98 -12.06
CA ILE B 195 10.46 23.62 -13.38
C ILE B 195 10.93 22.18 -13.62
N HIS B 196 10.06 21.38 -14.24
CA HIS B 196 10.39 20.00 -14.57
C HIS B 196 11.05 19.95 -15.94
N ILE B 197 11.98 19.02 -16.10
CA ILE B 197 12.74 18.90 -17.32
C ILE B 197 13.00 17.44 -17.63
N ARG B 198 12.73 17.07 -18.88
CA ARG B 198 13.17 15.79 -19.41
C ARG B 198 13.95 16.03 -20.69
N ILE B 199 15.11 15.39 -20.78
CA ILE B 199 15.96 15.51 -21.95
C ILE B 199 16.27 14.14 -22.58
N THR B 200 15.99 14.07 -23.88
CA THR B 200 16.23 12.89 -24.69
C THR B 200 17.29 13.23 -25.72
N ALA B 201 18.21 12.31 -25.94
CA ALA B 201 19.20 12.46 -27.00
C ALA B 201 19.63 11.10 -27.52
N ASP B 202 19.70 10.98 -28.84
CA ASP B 202 20.23 9.77 -29.46
C ASP B 202 21.66 9.53 -29.03
N GLY B 203 21.90 8.38 -28.39
CA GLY B 203 23.22 7.99 -27.94
C GLY B 203 23.62 8.62 -26.62
N TYR B 204 22.63 9.09 -25.87
CA TYR B 204 22.84 9.68 -24.54
C TYR B 204 21.80 9.16 -23.55
N ARG B 205 22.19 9.09 -22.28
CA ARG B 205 21.30 8.60 -21.21
C ARG B 205 20.25 9.68 -20.90
N PRO B 206 18.98 9.30 -20.90
CA PRO B 206 17.89 10.25 -20.64
C PRO B 206 18.12 10.94 -19.30
N LEU B 207 17.74 12.21 -19.20
CA LEU B 207 17.81 12.91 -17.92
C LEU B 207 16.46 13.51 -17.58
N ILE B 208 16.01 13.22 -16.37
CA ILE B 208 14.81 13.81 -15.81
C ILE B 208 15.26 14.54 -14.56
N THR B 209 14.84 15.80 -14.43
CA THR B 209 15.25 16.60 -13.29
C THR B 209 14.34 17.80 -13.05
N GLN B 210 14.80 18.68 -12.17
CA GLN B 210 14.02 19.81 -11.70
C GLN B 210 14.93 21.00 -11.42
N LEU B 211 14.40 22.19 -11.61
CA LEU B 211 15.18 23.38 -11.36
C LEU B 211 14.44 24.18 -10.31
N TYR B 212 15.14 24.52 -9.23
CA TYR B 212 14.54 25.28 -8.14
C TYR B 212 15.12 26.68 -8.11
N PHE B 213 14.61 27.51 -7.21
CA PHE B 213 15.00 28.90 -7.17
C PHE B 213 15.55 29.32 -5.80
N GLU B 214 16.76 29.87 -5.82
CA GLU B 214 17.36 30.52 -4.66
C GLU B 214 16.36 31.41 -3.96
N GLY B 215 16.29 31.31 -2.64
CA GLY B 215 15.42 32.14 -1.85
C GLY B 215 14.12 31.46 -1.48
N ASP B 216 13.81 30.36 -2.15
CA ASP B 216 12.57 29.62 -1.90
C ASP B 216 12.43 29.20 -0.44
N PRO B 217 11.32 29.56 0.20
CA PRO B 217 11.09 29.25 1.61
C PRO B 217 11.11 27.75 1.90
N TYR B 218 10.94 26.91 0.88
CA TYR B 218 10.78 25.48 1.08
C TYR B 218 11.94 24.65 0.58
N LEU B 219 13.01 25.34 0.18
CA LEU B 219 14.21 24.67 -0.29
C LEU B 219 14.80 23.72 0.74
N ASP B 220 14.61 24.03 2.02
CA ASP B 220 15.13 23.16 3.07
C ASP B 220 14.04 22.50 3.92
N SER B 221 12.81 22.49 3.42
CA SER B 221 11.72 21.71 4.02
C SER B 221 10.77 21.09 2.99
N ASP B 222 11.32 20.69 1.84
CA ASP B 222 10.55 20.05 0.78
C ASP B 222 9.73 18.87 1.34
N SER B 223 8.43 18.87 1.06
CA SER B 223 7.57 17.81 1.54
C SER B 223 7.90 16.47 0.86
N CYS B 224 8.54 16.54 -0.31
CA CYS B 224 8.93 15.35 -1.05
C CYS B 224 10.44 15.06 -1.06
N SER B 225 11.18 15.81 -0.25
CA SER B 225 12.62 15.55 -0.06
C SER B 225 13.38 15.45 -1.40
N ALA B 226 13.05 16.36 -2.31
CA ALA B 226 13.45 16.23 -3.71
C ALA B 226 14.48 17.28 -4.13
N VAL B 227 14.84 18.15 -3.20
CA VAL B 227 15.77 19.23 -3.49
C VAL B 227 17.23 18.75 -3.46
N LYS B 228 18.01 19.20 -4.44
CA LYS B 228 19.47 19.06 -4.41
C LYS B 228 20.10 20.44 -4.64
N SER B 229 20.94 20.86 -3.69
CA SER B 229 21.63 22.15 -3.75
C SER B 229 22.25 22.51 -5.12
N GLU B 230 22.70 21.49 -5.84
CA GLU B 230 23.27 21.65 -7.18
C GLU B 230 22.22 22.07 -8.23
N LEU B 231 20.95 21.82 -7.93
CA LEU B 231 19.83 22.11 -8.84
C LEU B 231 18.99 23.37 -8.48
N VAL B 232 19.48 24.21 -7.56
CA VAL B 232 18.77 25.44 -7.25
C VAL B 232 19.43 26.64 -7.94
N LEU B 233 18.60 27.51 -8.54
CA LEU B 233 19.07 28.51 -9.49
C LEU B 233 19.20 29.90 -8.89
N PRO B 234 20.31 30.57 -9.18
CA PRO B 234 20.38 32.03 -9.02
C PRO B 234 19.31 32.67 -9.88
N VAL B 235 18.55 33.59 -9.29
CA VAL B 235 17.44 34.24 -9.97
C VAL B 235 17.57 35.77 -9.90
N ASN B 236 17.87 36.34 -11.05
CA ASN B 236 18.05 37.77 -11.21
C ASN B 236 16.73 38.46 -11.58
N LYS B 237 16.28 39.36 -10.71
CA LYS B 237 14.94 39.96 -10.82
C LYS B 237 14.95 41.33 -11.51
N ILE B 238 14.47 41.34 -12.76
CA ILE B 238 14.46 42.53 -13.62
C ILE B 238 13.05 43.09 -13.78
N ASP B 239 12.94 44.42 -13.77
CA ASP B 239 11.63 45.05 -13.90
C ASP B 239 11.45 45.77 -15.25
N ILE B 240 11.13 45.02 -16.31
CA ILE B 240 10.84 45.60 -17.64
C ILE B 240 9.48 46.29 -17.60
N ASP B 241 9.53 47.56 -17.17
CA ASP B 241 8.42 48.32 -16.54
C ASP B 241 6.99 47.82 -16.75
N GLY B 242 6.27 47.79 -15.63
CA GLY B 242 5.00 47.11 -15.55
C GLY B 242 5.23 45.65 -15.21
N GLU B 243 5.94 44.94 -16.08
CA GLU B 243 6.10 43.48 -15.98
C GLU B 243 7.51 43.06 -15.54
N THR B 244 7.60 42.39 -14.39
CA THR B 244 8.88 42.05 -13.73
C THR B 244 9.45 40.67 -14.09
N TRP B 245 10.28 40.61 -15.13
CA TRP B 245 10.91 39.35 -15.55
C TRP B 245 11.86 38.76 -14.51
N GLN B 246 11.95 37.44 -14.50
CA GLN B 246 12.90 36.75 -13.63
C GLN B 246 13.73 35.84 -14.50
N LEU B 247 15.03 36.11 -14.55
CA LEU B 247 15.90 35.41 -15.50
C LEU B 247 16.70 34.32 -14.80
N VAL B 248 16.77 33.16 -15.44
CA VAL B 248 17.45 32.00 -14.88
C VAL B 248 18.26 31.31 -15.97
N ASP B 249 19.34 30.65 -15.56
CA ASP B 249 20.26 30.04 -16.49
C ASP B 249 20.74 28.72 -15.97
N PHE B 250 20.84 27.74 -16.86
CA PHE B 250 21.34 26.42 -16.47
C PHE B 250 21.99 25.67 -17.62
N ASN B 251 23.15 25.08 -17.33
CA ASN B 251 23.86 24.28 -18.32
C ASN B 251 23.76 22.79 -18.04
N PHE B 252 22.99 22.11 -18.89
CA PHE B 252 22.75 20.69 -18.78
C PHE B 252 23.90 19.89 -19.39
N ILE B 253 24.53 19.06 -18.55
CA ILE B 253 25.51 18.07 -18.99
C ILE B 253 24.85 16.68 -18.98
N LEU B 254 25.03 15.92 -20.04
CA LEU B 254 24.47 14.56 -20.14
C LEU B 254 25.55 13.46 -20.24
N GLN B 255 25.15 12.22 -19.93
CA GLN B 255 26.08 11.09 -19.81
C GLN B 255 26.40 10.43 -21.14
N HIS B 256 25.42 9.78 -21.74
CA HIS B 256 25.66 9.07 -22.98
C HIS B 256 26.03 7.62 -22.75
N ASN B 257 25.45 6.74 -23.57
CA ASN B 257 25.62 5.27 -23.51
C ASN B 257 26.92 4.73 -22.90
FE FE C . -10.40 -18.54 6.96
O11 HGP D . -4.85 8.10 11.64
C11 HGP D . -3.72 8.34 12.04
C12 HGP D . -2.52 8.07 11.14
C13 HGP D . -2.93 7.32 9.88
C14 HGP D . -2.00 6.13 9.64
C15 HGP D . -1.09 6.36 8.43
C16 HGP D . -0.09 5.22 8.33
C17 HGP D . 0.76 5.29 7.06
C18 HGP D . 0.57 4.03 6.22
C19 HGP D . 1.71 3.86 5.24
C20 HGP D . 1.71 2.45 4.67
C21 HGP D . 1.96 2.50 3.17
C22 HGP D . 2.91 1.39 2.76
C23 HGP D . 3.71 1.78 1.51
C24 HGP D . 5.05 1.06 1.47
C25 HGP D . 5.62 1.03 0.06
C26 HGP D . 5.66 -0.40 -0.46
O3 HGP D . -3.50 8.87 13.40
C3 HGP D . -4.69 8.84 14.22
C2 HGP D . -5.02 7.45 14.81
C1 HGP D . -5.06 7.49 16.35
O2 HGP D . -4.12 6.45 14.27
C31 HGP D . -3.06 5.91 15.17
O31 HGP D . -2.65 6.56 16.10
C32 HGP D . -2.48 4.53 14.90
C33 HGP D . -0.96 4.60 14.84
C34 HGP D . -0.41 3.69 13.75
C35 HGP D . 0.96 4.16 13.26
C36 HGP D . 1.08 4.11 11.73
C37 HGP D . 2.36 4.79 11.25
C38 HGP D . 2.87 4.16 9.96
C39 HGP D . 3.98 3.14 10.24
C40 HGP D . 4.26 2.26 9.03
C42 HGP D . 3.37 1.03 9.01
C43 HGP D . 4.07 -0.18 8.40
C44 HGP D . 4.17 -1.32 9.40
C9 HGP D . 2.95 -2.25 9.36
C TAM E . -8.50 -7.80 11.03
C1 TAM E . -7.52 -7.34 12.10
C2 TAM E . -7.86 -7.62 9.67
C3 TAM E . -9.83 -7.06 11.15
C4 TAM E . -7.30 -8.32 13.26
C5 TAM E . -8.73 -8.20 8.57
C6 TAM E . -10.22 -6.15 9.97
N TAM E . -8.77 -9.24 11.19
O4 TAM E . -8.45 -8.43 14.10
O5 TAM E . -8.72 -7.33 7.44
O6 TAM E . -11.24 -6.79 9.18
C BEZ F . -8.58 -16.63 6.51
O1 BEZ F . -9.93 -16.66 6.12
O2 BEZ F . -8.21 -17.46 7.46
C1 BEZ F . -7.59 -15.69 5.91
C2 BEZ F . -6.54 -15.20 6.67
C3 BEZ F . -5.64 -14.30 6.11
C4 BEZ F . -5.78 -13.90 4.78
C5 BEZ F . -6.83 -14.41 4.02
C6 BEZ F . -7.74 -15.30 4.59
FE FE G . 6.09 19.56 -9.79
O11 HGP H . 3.64 -8.61 -9.09
C11 HGP H . 4.72 -8.13 -9.35
C12 HGP H . 5.60 -7.56 -8.26
C13 HGP H . 4.92 -7.74 -6.89
C14 HGP H . 4.72 -6.39 -6.18
C15 HGP H . 5.22 -6.45 -4.75
C16 HGP H . 4.08 -6.32 -3.75
C17 HGP H . 4.46 -5.44 -2.56
C18 HGP H . 3.64 -4.17 -2.55
C19 HGP H . 3.90 -3.35 -1.30
C20 HGP H . 3.16 -3.94 -0.11
C21 HGP H . 2.49 -2.88 0.75
C22 HGP H . 3.25 -2.65 2.04
C23 HGP H . 2.42 -3.03 3.25
C24 HGP H . 2.51 -1.94 4.31
C25 HGP H . 2.97 -2.54 5.64
C26 HGP H . 1.80 -3.05 6.47
O3 HGP H . 5.14 -8.09 -10.76
C3 HGP H . 6.05 -9.16 -11.08
C2 HGP H . 7.14 -8.67 -12.06
C1 HGP H . 7.08 -9.46 -13.39
O3P HGP H . 6.91 -10.87 -13.16
P HGP H . 7.29 -11.72 -14.50
O2 HGP H . 8.44 -8.76 -11.46
C31 HGP H . 9.26 -7.56 -11.66
O31 HGP H . 9.81 -7.42 -12.74
C32 HGP H . 9.42 -6.51 -10.56
C33 HGP H . 9.94 -7.09 -9.25
C34 HGP H . 9.29 -6.38 -8.04
C35 HGP H . 9.76 -6.95 -6.68
C36 HGP H . 8.78 -6.66 -5.55
C37 HGP H . 9.51 -6.28 -4.25
C38 HGP H . 8.56 -5.97 -3.10
C39 HGP H . 9.15 -4.93 -2.14
C40 HGP H . 8.24 -3.71 -2.04
C42 HGP H . 8.89 -2.58 -1.21
C43 HGP H . 9.62 -1.58 -2.11
C44 HGP H . 8.84 -0.26 -2.27
C BEZ I . 5.96 17.04 -8.45
O1 BEZ I . 5.07 17.28 -9.53
O2 BEZ I . 7.10 17.68 -8.43
C1 BEZ I . 5.61 16.09 -7.36
C2 BEZ I . 6.49 15.07 -7.00
C3 BEZ I . 6.15 14.18 -5.98
C4 BEZ I . 4.93 14.30 -5.32
C5 BEZ I . 4.04 15.32 -5.68
C6 BEZ I . 4.38 16.22 -6.70
#